data_1XUZ
#
_entry.id   1XUZ
#
_cell.length_a   58.531
_cell.length_b   75.654
_cell.length_c   77.866
_cell.angle_alpha   90.00
_cell.angle_beta   90.00
_cell.angle_gamma   90.00
#
_symmetry.space_group_name_H-M   'P 21 21 2'
#
loop_
_entity.id
_entity.type
_entity.pdbx_description
1 polymer 'polysialic acid capsule biosynthesis protein SiaC'
2 non-polymer 5-DEOXY-5-{[(1S)-1-HYDROXYETHYL]AMINO}-D-GLUCITOL
3 non-polymer 'MANGANESE (II) ION'
4 non-polymer PHOSPHOENOLPYRUVATE
5 water water
#
_entity_poly.entity_id   1
_entity_poly.type   'polypeptide(L)'
_entity_poly.pdbx_seq_one_letter_code
;MQNNNEFKIGNRSVGYNHEPLIICEIGINHEGSLKTAFEMVDAAYNAGAEVVKHQTHIVEDEMSDEAKQVIPGNADVSIY
EIMERCALNEEDEIKLKEYVESKGMIFISTPFSRAAALRLQRMDIPAYKIGSGECNNYPLIKLVASFGKPIILSTGMNSI
ESIKKSVEIIREAGVPYALLHCTNIYPTPYEDVRLGGMNDLSEAFPDAIIGLSDHTLDNYACLGAVALGGSILERHFTDR
MDRPGPDIVCSMNPDTFKELKQGAHALKLARGGKKDTIIAGEKPTKDFAFASVVADKDIKKGELLSGDNLWVKRPGNGDF
SVNEYETLFGKVAACNIRKGAQIKKTDIE
;
_entity_poly.pdbx_strand_id   A
#
# COMPACT_ATOMS: atom_id res chain seq x y z
N GLN A 2 10.33 -6.26 3.30
CA GLN A 2 11.00 -5.01 3.76
C GLN A 2 11.12 -5.00 5.29
N ASN A 3 10.01 -5.25 5.97
CA ASN A 3 9.99 -5.29 7.44
C ASN A 3 8.85 -6.16 7.93
N ASN A 4 8.88 -6.49 9.22
CA ASN A 4 7.85 -7.32 9.81
C ASN A 4 7.04 -6.59 10.87
N ASN A 5 7.05 -5.26 10.80
CA ASN A 5 6.31 -4.45 11.76
C ASN A 5 4.82 -4.76 11.61
N GLU A 6 4.09 -4.77 12.73
CA GLU A 6 2.66 -5.05 12.69
C GLU A 6 1.98 -4.66 13.99
N PHE A 7 0.66 -4.55 13.91
CA PHE A 7 -0.19 -4.25 15.06
C PHE A 7 -1.62 -4.56 14.64
N LYS A 8 -2.55 -4.54 15.58
CA LYS A 8 -3.92 -4.86 15.25
C LYS A 8 -4.92 -3.73 15.45
N ILE A 9 -5.92 -3.70 14.57
CA ILE A 9 -7.01 -2.73 14.61
C ILE A 9 -8.18 -3.66 14.90
N GLY A 10 -8.39 -3.96 16.17
CA GLY A 10 -9.44 -4.88 16.54
C GLY A 10 -8.86 -6.26 16.35
N ASN A 11 -9.45 -7.06 15.47
CA ASN A 11 -8.94 -8.39 15.20
C ASN A 11 -8.29 -8.46 13.82
N ARG A 12 -8.11 -7.28 13.21
CA ARG A 12 -7.53 -7.16 11.89
C ARG A 12 -6.03 -6.83 11.95
N SER A 13 -5.18 -7.78 11.59
CA SER A 13 -3.73 -7.57 11.60
C SER A 13 -3.31 -6.70 10.42
N VAL A 14 -2.46 -5.72 10.70
CA VAL A 14 -1.97 -4.81 9.68
C VAL A 14 -0.45 -4.87 9.63
N GLY A 15 0.11 -4.79 8.42
CA GLY A 15 1.56 -4.84 8.27
C GLY A 15 1.98 -5.39 6.92
N TYR A 16 3.25 -5.24 6.61
CA TYR A 16 3.81 -5.70 5.35
C TYR A 16 3.54 -7.18 5.06
N ASN A 17 3.58 -8.01 6.10
CA ASN A 17 3.33 -9.44 5.92
C ASN A 17 1.85 -9.82 6.03
N HIS A 18 0.98 -8.82 5.97
CA HIS A 18 -0.46 -9.07 6.06
C HIS A 18 -1.17 -8.49 4.83
N GLU A 19 -2.39 -8.92 4.59
CA GLU A 19 -3.14 -8.39 3.46
C GLU A 19 -3.27 -6.87 3.64
N PRO A 20 -2.97 -6.11 2.57
CA PRO A 20 -3.10 -4.65 2.76
C PRO A 20 -4.53 -4.27 3.14
N LEU A 21 -4.67 -3.24 3.97
CA LEU A 21 -5.98 -2.79 4.43
C LEU A 21 -6.44 -1.52 3.72
N ILE A 22 -7.66 -1.55 3.20
CA ILE A 22 -8.21 -0.39 2.52
C ILE A 22 -9.19 0.27 3.45
N ILE A 23 -8.99 1.55 3.70
CA ILE A 23 -9.87 2.30 4.58
C ILE A 23 -10.81 3.12 3.71
N CYS A 24 -12.10 2.86 3.84
CA CYS A 24 -13.11 3.59 3.10
C CYS A 24 -13.53 4.75 3.96
N GLU A 25 -13.11 5.95 3.61
CA GLU A 25 -13.50 7.09 4.41
C GLU A 25 -14.62 7.90 3.77
N ILE A 26 -15.80 7.86 4.37
CA ILE A 26 -16.89 8.64 3.81
C ILE A 26 -16.65 10.07 4.27
N GLY A 27 -15.85 10.23 5.33
CA GLY A 27 -15.53 11.55 5.84
C GLY A 27 -16.73 12.47 5.97
N ILE A 28 -16.79 13.50 5.13
CA ILE A 28 -17.89 14.46 5.15
C ILE A 28 -18.79 14.25 3.93
N ASN A 29 -18.57 13.15 3.23
CA ASN A 29 -19.35 12.84 2.04
C ASN A 29 -20.85 12.74 2.23
N HIS A 30 -21.29 12.46 3.45
CA HIS A 30 -22.72 12.35 3.75
C HIS A 30 -23.40 13.71 3.84
N GLU A 31 -22.62 14.78 3.75
CA GLU A 31 -23.14 16.14 3.82
C GLU A 31 -24.08 16.37 5.01
N GLY A 32 -23.75 15.74 6.13
CA GLY A 32 -24.53 15.89 7.35
C GLY A 32 -25.78 15.05 7.47
N SER A 33 -26.07 14.25 6.46
CA SER A 33 -27.27 13.41 6.45
C SER A 33 -26.99 11.96 6.84
N LEU A 34 -27.67 11.50 7.88
CA LEU A 34 -27.51 10.14 8.35
C LEU A 34 -27.98 9.15 7.28
N LYS A 35 -29.10 9.47 6.64
CA LYS A 35 -29.64 8.64 5.56
C LYS A 35 -28.58 8.42 4.49
N THR A 36 -27.91 9.49 4.09
CA THR A 36 -26.85 9.39 3.08
C THR A 36 -25.68 8.59 3.64
N ALA A 37 -25.34 8.84 4.89
CA ALA A 37 -24.23 8.13 5.52
C ALA A 37 -24.52 6.64 5.57
N PHE A 38 -25.76 6.27 5.86
CA PHE A 38 -26.13 4.86 5.92
C PHE A 38 -26.09 4.22 4.54
N GLU A 39 -26.50 4.98 3.52
CA GLU A 39 -26.48 4.46 2.15
C GLU A 39 -25.04 4.23 1.71
N MET A 40 -24.13 5.09 2.13
CA MET A 40 -22.72 4.94 1.78
C MET A 40 -22.10 3.76 2.55
N VAL A 41 -22.53 3.55 3.78
CA VAL A 41 -22.02 2.43 4.57
C VAL A 41 -22.52 1.13 3.91
N ASP A 42 -23.77 1.15 3.45
CA ASP A 42 -24.35 -0.02 2.80
C ASP A 42 -23.54 -0.37 1.55
N ALA A 43 -23.22 0.65 0.76
CA ALA A 43 -22.43 0.44 -0.45
C ALA A 43 -21.07 -0.15 -0.09
N ALA A 44 -20.44 0.41 0.95
CA ALA A 44 -19.13 -0.06 1.40
C ALA A 44 -19.21 -1.53 1.81
N TYR A 45 -20.26 -1.88 2.55
CA TYR A 45 -20.44 -3.26 2.99
C TYR A 45 -20.54 -4.21 1.80
N ASN A 46 -21.51 -3.94 0.93
CA ASN A 46 -21.73 -4.78 -0.24
C ASN A 46 -20.52 -4.84 -1.16
N ALA A 47 -19.68 -3.82 -1.14
CA ALA A 47 -18.51 -3.82 -2.00
C ALA A 47 -17.41 -4.71 -1.42
N GLY A 48 -17.56 -5.07 -0.14
CA GLY A 48 -16.59 -5.92 0.52
C GLY A 48 -15.61 -5.18 1.42
N ALA A 49 -15.96 -3.97 1.82
CA ALA A 49 -15.08 -3.17 2.67
C ALA A 49 -14.90 -3.76 4.06
N GLU A 50 -13.72 -3.55 4.63
CA GLU A 50 -13.40 -4.03 5.96
C GLU A 50 -13.48 -2.89 6.97
N VAL A 51 -13.10 -1.69 6.54
CA VAL A 51 -13.10 -0.54 7.42
C VAL A 51 -13.77 0.70 6.82
N VAL A 52 -14.53 1.39 7.66
CA VAL A 52 -15.19 2.62 7.27
C VAL A 52 -14.69 3.68 8.24
N LYS A 53 -14.13 4.75 7.68
CA LYS A 53 -13.62 5.82 8.49
C LYS A 53 -14.53 7.02 8.38
N HIS A 54 -14.67 7.73 9.48
CA HIS A 54 -15.52 8.90 9.53
C HIS A 54 -14.62 10.08 9.88
N GLN A 55 -15.21 11.26 10.01
CA GLN A 55 -14.51 12.46 10.41
C GLN A 55 -15.37 13.03 11.52
N THR A 56 -14.75 13.24 12.68
CA THR A 56 -15.47 13.75 13.83
C THR A 56 -15.26 15.25 13.96
N HIS A 57 -16.24 16.02 13.54
CA HIS A 57 -16.16 17.46 13.59
C HIS A 57 -17.04 18.08 14.67
N ILE A 58 -16.43 18.98 15.42
CA ILE A 58 -17.06 19.75 16.48
C ILE A 58 -16.50 21.14 16.20
N VAL A 59 -17.19 21.87 15.32
CA VAL A 59 -16.77 23.19 14.88
C VAL A 59 -16.18 24.16 15.90
N GLU A 60 -16.90 24.39 16.99
CA GLU A 60 -16.41 25.34 17.99
C GLU A 60 -15.10 24.95 18.67
N ASP A 61 -14.79 23.66 18.72
CA ASP A 61 -13.55 23.22 19.38
C ASP A 61 -12.37 23.00 18.44
N GLU A 62 -12.65 22.73 17.16
CA GLU A 62 -11.55 22.50 16.21
C GLU A 62 -11.09 23.77 15.51
N MET A 63 -11.87 24.84 15.62
CA MET A 63 -11.47 26.09 14.97
C MET A 63 -12.03 27.35 15.62
N SER A 64 -11.24 28.40 15.61
CA SER A 64 -11.60 29.69 16.16
C SER A 64 -12.37 30.49 15.09
N ASP A 65 -12.87 31.66 15.47
CA ASP A 65 -13.64 32.49 14.54
C ASP A 65 -12.90 32.78 13.23
N GLU A 66 -11.58 32.78 13.29
CA GLU A 66 -10.77 33.04 12.10
C GLU A 66 -11.16 32.10 10.96
N ALA A 67 -11.52 30.86 11.30
CA ALA A 67 -11.88 29.87 10.29
C ALA A 67 -13.09 30.27 9.45
N LYS A 68 -13.89 31.21 9.94
CA LYS A 68 -15.06 31.66 9.20
C LYS A 68 -14.67 32.58 8.05
N GLN A 69 -13.37 32.90 7.97
CA GLN A 69 -12.87 33.78 6.92
C GLN A 69 -11.94 33.06 5.91
N VAL A 70 -11.61 31.79 6.16
CA VAL A 70 -10.71 31.06 5.27
C VAL A 70 -11.38 29.97 4.44
N ILE A 71 -11.05 29.95 3.15
CA ILE A 71 -11.63 29.01 2.20
C ILE A 71 -10.64 27.91 1.79
N PRO A 72 -11.09 26.64 1.83
CA PRO A 72 -10.21 25.53 1.44
C PRO A 72 -10.01 25.55 -0.08
N GLY A 73 -8.99 24.84 -0.55
CA GLY A 73 -8.71 24.82 -1.98
C GLY A 73 -9.77 24.17 -2.85
N ASN A 74 -10.56 23.25 -2.30
CA ASN A 74 -11.60 22.56 -3.07
C ASN A 74 -13.01 23.03 -2.77
N ALA A 75 -13.17 24.33 -2.51
CA ALA A 75 -14.48 24.88 -2.21
C ALA A 75 -14.49 26.40 -2.37
N ASP A 76 -15.67 27.00 -2.26
CA ASP A 76 -15.81 28.45 -2.40
C ASP A 76 -16.45 29.14 -1.20
N VAL A 77 -16.55 28.42 -0.08
CA VAL A 77 -17.09 28.98 1.14
C VAL A 77 -16.14 28.60 2.26
N SER A 78 -16.24 29.29 3.40
CA SER A 78 -15.35 29.04 4.53
C SER A 78 -15.40 27.59 5.01
N ILE A 79 -14.26 27.12 5.50
CA ILE A 79 -14.15 25.76 6.01
C ILE A 79 -15.12 25.62 7.19
N TYR A 80 -15.38 26.72 7.87
CA TYR A 80 -16.29 26.70 9.01
C TYR A 80 -17.70 26.37 8.52
N GLU A 81 -18.13 27.05 7.46
CA GLU A 81 -19.46 26.81 6.90
C GLU A 81 -19.58 25.37 6.44
N ILE A 82 -18.57 24.89 5.72
CA ILE A 82 -18.59 23.51 5.22
C ILE A 82 -18.75 22.50 6.35
N MET A 83 -17.94 22.68 7.40
CA MET A 83 -17.98 21.76 8.53
C MET A 83 -19.26 21.84 9.35
N GLU A 84 -19.84 23.03 9.46
CA GLU A 84 -21.07 23.19 10.21
C GLU A 84 -22.22 22.54 9.43
N ARG A 85 -22.00 22.38 8.13
CA ARG A 85 -22.99 21.78 7.25
C ARG A 85 -22.91 20.25 7.24
N CYS A 86 -21.71 19.69 7.24
CA CYS A 86 -21.53 18.24 7.19
C CYS A 86 -21.39 17.53 8.54
N ALA A 87 -21.04 18.28 9.57
CA ALA A 87 -20.85 17.71 10.91
C ALA A 87 -22.05 16.97 11.49
N LEU A 88 -21.79 15.79 12.02
CA LEU A 88 -22.81 14.97 12.66
C LEU A 88 -22.64 15.18 14.16
N ASN A 89 -23.74 15.40 14.88
CA ASN A 89 -23.62 15.59 16.31
C ASN A 89 -23.25 14.26 16.94
N GLU A 90 -22.99 14.28 18.25
CA GLU A 90 -22.58 13.08 18.96
C GLU A 90 -23.52 11.88 18.87
N GLU A 91 -24.81 12.08 19.15
CA GLU A 91 -25.75 10.97 19.10
C GLU A 91 -25.82 10.32 17.73
N ASP A 92 -25.81 11.15 16.68
CA ASP A 92 -25.87 10.63 15.32
C ASP A 92 -24.61 9.86 14.96
N GLU A 93 -23.45 10.35 15.38
CA GLU A 93 -22.20 9.66 15.08
C GLU A 93 -22.14 8.32 15.81
N ILE A 94 -22.75 8.26 16.98
CA ILE A 94 -22.77 7.03 17.76
C ILE A 94 -23.62 6.00 17.03
N LYS A 95 -24.68 6.45 16.37
CA LYS A 95 -25.55 5.55 15.61
C LYS A 95 -24.81 5.08 14.37
N LEU A 96 -23.99 5.97 13.80
CA LEU A 96 -23.22 5.64 12.62
C LEU A 96 -22.25 4.51 12.93
N LYS A 97 -21.55 4.63 14.06
CA LYS A 97 -20.60 3.61 14.46
C LYS A 97 -21.32 2.28 14.68
N GLU A 98 -22.46 2.34 15.36
CA GLU A 98 -23.23 1.13 15.63
C GLU A 98 -23.66 0.50 14.31
N TYR A 99 -24.13 1.33 13.39
CA TYR A 99 -24.57 0.84 12.08
C TYR A 99 -23.42 0.17 11.30
N VAL A 100 -22.25 0.82 11.28
CA VAL A 100 -21.10 0.25 10.57
C VAL A 100 -20.81 -1.13 11.14
N GLU A 101 -20.76 -1.21 12.45
CA GLU A 101 -20.48 -2.47 13.12
C GLU A 101 -21.58 -3.50 12.91
N SER A 102 -22.82 -3.05 12.73
CA SER A 102 -23.93 -3.99 12.51
C SER A 102 -23.76 -4.63 11.14
N LYS A 103 -22.90 -4.05 10.32
CA LYS A 103 -22.63 -4.58 8.99
C LYS A 103 -21.36 -5.41 9.01
N GLY A 104 -20.87 -5.69 10.21
CA GLY A 104 -19.66 -6.50 10.37
C GLY A 104 -18.37 -5.79 10.01
N MET A 105 -18.40 -4.47 9.92
CA MET A 105 -17.21 -3.72 9.56
C MET A 105 -16.61 -2.99 10.76
N ILE A 106 -15.35 -2.59 10.63
CA ILE A 106 -14.70 -1.86 11.70
C ILE A 106 -14.89 -0.36 11.49
N PHE A 107 -15.19 0.34 12.58
CA PHE A 107 -15.40 1.78 12.55
C PHE A 107 -14.27 2.53 13.25
N ILE A 108 -13.71 3.51 12.58
CA ILE A 108 -12.68 4.36 13.16
C ILE A 108 -13.00 5.75 12.64
N SER A 109 -12.42 6.77 13.26
CA SER A 109 -12.69 8.14 12.83
C SER A 109 -11.48 9.02 13.03
N THR A 110 -11.55 10.23 12.49
CA THR A 110 -10.48 11.20 12.61
C THR A 110 -10.93 12.37 13.47
N PRO A 111 -10.20 12.65 14.57
CA PRO A 111 -10.59 13.77 15.42
C PRO A 111 -9.84 15.01 14.94
N PHE A 112 -10.46 16.17 15.03
CA PHE A 112 -9.82 17.41 14.62
C PHE A 112 -9.76 18.37 15.79
N SER A 113 -10.11 17.87 16.97
CA SER A 113 -10.10 18.67 18.17
C SER A 113 -9.98 17.81 19.42
N ARG A 114 -9.77 18.46 20.56
CA ARG A 114 -9.66 17.76 21.82
C ARG A 114 -11.00 17.11 22.17
N ALA A 115 -12.07 17.87 22.00
CA ALA A 115 -13.42 17.38 22.29
C ALA A 115 -13.75 16.16 21.44
N ALA A 116 -13.33 16.18 20.18
CA ALA A 116 -13.61 15.05 19.29
C ALA A 116 -12.85 13.81 19.76
N ALA A 117 -11.59 14.01 20.16
CA ALA A 117 -10.77 12.89 20.64
C ALA A 117 -11.43 12.25 21.85
N LEU A 118 -11.91 13.08 22.76
CA LEU A 118 -12.57 12.58 23.96
C LEU A 118 -13.86 11.85 23.63
N ARG A 119 -14.58 12.33 22.61
CA ARG A 119 -15.82 11.67 22.21
C ARG A 119 -15.51 10.27 21.68
N LEU A 120 -14.52 10.19 20.79
CA LEU A 120 -14.14 8.91 20.22
C LEU A 120 -13.59 7.96 21.28
N GLN A 121 -12.96 8.51 22.33
CA GLN A 121 -12.45 7.67 23.39
C GLN A 121 -13.65 7.07 24.14
N ARG A 122 -14.67 7.88 24.35
CA ARG A 122 -15.89 7.43 25.02
C ARG A 122 -16.47 6.28 24.19
N MET A 123 -16.47 6.46 22.87
CA MET A 123 -16.98 5.45 21.96
C MET A 123 -16.07 4.23 21.88
N ASP A 124 -14.85 4.38 22.38
CA ASP A 124 -13.88 3.29 22.41
C ASP A 124 -13.55 2.69 21.05
N ILE A 125 -13.14 3.52 20.09
CA ILE A 125 -12.78 3.00 18.77
C ILE A 125 -11.48 2.23 18.91
N PRO A 126 -11.26 1.20 18.06
CA PRO A 126 -10.05 0.38 18.09
C PRO A 126 -8.74 1.07 17.71
N ALA A 127 -8.81 2.13 16.92
CA ALA A 127 -7.61 2.86 16.51
C ALA A 127 -7.98 4.29 16.16
N TYR A 128 -7.00 5.20 16.20
CA TYR A 128 -7.26 6.59 15.89
C TYR A 128 -6.48 7.08 14.68
N LYS A 129 -7.20 7.75 13.78
CA LYS A 129 -6.59 8.31 12.59
C LYS A 129 -6.35 9.79 12.87
N ILE A 130 -5.15 10.26 12.57
CA ILE A 130 -4.83 11.66 12.75
C ILE A 130 -4.55 12.18 11.35
N GLY A 131 -5.37 13.13 10.91
CA GLY A 131 -5.21 13.68 9.57
C GLY A 131 -3.95 14.49 9.37
N SER A 132 -3.52 14.60 8.12
CA SER A 132 -2.31 15.33 7.77
C SER A 132 -2.29 16.75 8.33
N GLY A 133 -3.46 17.35 8.48
CA GLY A 133 -3.54 18.71 9.03
C GLY A 133 -3.13 18.75 10.49
N GLU A 134 -3.29 17.63 11.20
CA GLU A 134 -2.96 17.55 12.61
C GLU A 134 -1.64 16.82 12.87
N CYS A 135 -0.96 16.40 11.80
CA CYS A 135 0.31 15.70 11.96
C CYS A 135 1.32 16.53 12.76
N ASN A 136 1.25 17.85 12.66
CA ASN A 136 2.18 18.70 13.38
C ASN A 136 1.54 19.33 14.63
N ASN A 137 0.34 18.87 14.95
CA ASN A 137 -0.39 19.36 16.13
C ASN A 137 -0.01 18.45 17.27
N TYR A 138 1.19 18.65 17.80
CA TYR A 138 1.74 17.83 18.87
C TYR A 138 0.89 17.73 20.13
N PRO A 139 0.32 18.86 20.60
CA PRO A 139 -0.48 18.72 21.82
C PRO A 139 -1.68 17.79 21.62
N LEU A 140 -2.22 17.75 20.41
CA LEU A 140 -3.37 16.89 20.12
C LEU A 140 -2.89 15.44 19.97
N ILE A 141 -1.71 15.26 19.39
CA ILE A 141 -1.13 13.94 19.19
C ILE A 141 -0.83 13.34 20.56
N LYS A 142 -0.32 14.18 21.46
CA LYS A 142 0.01 13.75 22.81
C LYS A 142 -1.26 13.25 23.52
N LEU A 143 -2.37 13.96 23.32
CA LEU A 143 -3.62 13.56 23.93
C LEU A 143 -4.09 12.21 23.40
N VAL A 144 -4.13 12.07 22.08
CA VAL A 144 -4.58 10.83 21.46
C VAL A 144 -3.71 9.62 21.83
N ALA A 145 -2.40 9.83 21.87
CA ALA A 145 -1.49 8.74 22.18
C ALA A 145 -1.73 8.16 23.57
N SER A 146 -2.13 9.02 24.51
CA SER A 146 -2.38 8.57 25.87
C SER A 146 -3.62 7.69 25.99
N PHE A 147 -4.35 7.54 24.89
CA PHE A 147 -5.55 6.71 24.90
C PHE A 147 -5.20 5.21 24.87
N GLY A 148 -3.95 4.91 24.53
CA GLY A 148 -3.50 3.53 24.50
C GLY A 148 -3.89 2.70 23.30
N LYS A 149 -4.38 3.34 22.25
CA LYS A 149 -4.77 2.62 21.04
C LYS A 149 -3.77 2.92 19.93
N PRO A 150 -3.66 2.03 18.94
CA PRO A 150 -2.71 2.29 17.85
C PRO A 150 -3.14 3.53 17.05
N ILE A 151 -2.17 4.21 16.46
CA ILE A 151 -2.44 5.42 15.69
C ILE A 151 -2.05 5.30 14.22
N ILE A 152 -2.94 5.77 13.35
CA ILE A 152 -2.68 5.78 11.92
C ILE A 152 -2.47 7.27 11.65
N LEU A 153 -1.23 7.66 11.40
CA LEU A 153 -0.92 9.06 11.17
C LEU A 153 -0.61 9.43 9.73
N SER A 154 -1.45 10.29 9.14
CA SER A 154 -1.21 10.75 7.78
C SER A 154 -0.11 11.78 7.91
N THR A 155 0.76 11.86 6.91
CA THR A 155 1.88 12.78 6.98
C THR A 155 1.96 13.84 5.88
N GLY A 156 0.85 14.11 5.21
CA GLY A 156 0.87 15.11 4.17
C GLY A 156 1.22 16.47 4.73
N MET A 157 1.72 17.35 3.85
CA MET A 157 2.08 18.71 4.24
C MET A 157 3.16 18.80 5.31
N ASN A 158 3.83 17.69 5.60
CA ASN A 158 4.86 17.65 6.63
C ASN A 158 6.18 17.00 6.24
N SER A 159 7.28 17.60 6.71
CA SER A 159 8.61 17.07 6.43
C SER A 159 8.93 15.94 7.41
N ILE A 160 9.99 15.20 7.11
CA ILE A 160 10.43 14.12 7.97
C ILE A 160 10.73 14.66 9.36
N GLU A 161 11.43 15.78 9.45
CA GLU A 161 11.77 16.35 10.75
C GLU A 161 10.52 16.72 11.54
N SER A 162 9.55 17.31 10.86
CA SER A 162 8.31 17.71 11.50
C SER A 162 7.61 16.47 12.04
N ILE A 163 7.59 15.42 11.23
CA ILE A 163 6.96 14.15 11.61
C ILE A 163 7.70 13.49 12.78
N LYS A 164 9.01 13.70 12.83
CA LYS A 164 9.85 13.13 13.88
C LYS A 164 9.32 13.42 15.28
N LYS A 165 8.85 14.64 15.50
CA LYS A 165 8.35 15.05 16.81
C LYS A 165 7.11 14.25 17.21
N SER A 166 6.20 14.05 16.27
CA SER A 166 4.99 13.30 16.58
C SER A 166 5.32 11.83 16.86
N VAL A 167 6.16 11.23 16.01
CA VAL A 167 6.54 9.84 16.20
C VAL A 167 7.19 9.65 17.57
N GLU A 168 7.93 10.65 18.03
CA GLU A 168 8.59 10.55 19.33
C GLU A 168 7.52 10.52 20.42
N ILE A 169 6.51 11.36 20.30
CA ILE A 169 5.42 11.41 21.28
C ILE A 169 4.67 10.08 21.30
N ILE A 170 4.48 9.49 20.13
CA ILE A 170 3.78 8.21 20.02
C ILE A 170 4.56 7.09 20.70
N ARG A 171 5.86 6.98 20.38
CA ARG A 171 6.71 5.96 20.99
C ARG A 171 6.69 6.13 22.51
N GLU A 172 6.83 7.38 22.95
CA GLU A 172 6.81 7.69 24.38
C GLU A 172 5.56 7.09 25.01
N ALA A 173 4.44 7.24 24.31
CA ALA A 173 3.15 6.73 24.79
C ALA A 173 3.09 5.21 24.81
N GLY A 174 3.92 4.57 23.99
CA GLY A 174 3.93 3.12 23.97
C GLY A 174 2.89 2.42 23.12
N VAL A 175 2.37 3.10 22.10
CA VAL A 175 1.37 2.48 21.22
C VAL A 175 1.92 2.29 19.81
N PRO A 176 1.51 1.21 19.13
CA PRO A 176 1.99 0.95 17.77
C PRO A 176 1.40 2.00 16.82
N TYR A 177 2.04 2.23 15.69
CA TYR A 177 1.53 3.24 14.76
C TYR A 177 1.87 3.00 13.30
N ALA A 178 1.14 3.69 12.44
CA ALA A 178 1.35 3.62 10.99
C ALA A 178 1.60 5.03 10.50
N LEU A 179 2.30 5.16 9.38
CA LEU A 179 2.60 6.43 8.78
C LEU A 179 2.09 6.36 7.35
N LEU A 180 1.13 7.20 7.00
CA LEU A 180 0.60 7.20 5.65
C LEU A 180 1.15 8.37 4.86
N HIS A 181 1.90 8.09 3.79
CA HIS A 181 2.40 9.19 2.98
C HIS A 181 1.12 9.79 2.41
N CYS A 182 1.12 11.08 2.11
CA CYS A 182 -0.08 11.72 1.59
C CYS A 182 0.20 13.10 1.00
N THR A 183 -0.71 13.54 0.13
CA THR A 183 -0.63 14.86 -0.50
C THR A 183 -2.06 15.37 -0.39
N ASN A 184 -2.22 16.51 0.25
CA ASN A 184 -3.55 17.07 0.50
C ASN A 184 -4.07 18.13 -0.46
N ILE A 185 -4.35 17.71 -1.68
CA ILE A 185 -4.92 18.60 -2.70
C ILE A 185 -6.11 17.80 -3.22
N TYR A 186 -7.28 18.43 -3.27
CA TYR A 186 -8.49 17.74 -3.70
C TYR A 186 -9.05 18.24 -5.02
N PRO A 187 -8.78 17.52 -6.13
CA PRO A 187 -7.97 16.29 -6.21
C PRO A 187 -6.47 16.54 -6.39
N THR A 188 -5.70 15.46 -6.30
CA THR A 188 -4.25 15.52 -6.43
C THR A 188 -3.77 14.98 -7.78
N PRO A 189 -2.91 15.72 -8.48
CA PRO A 189 -2.41 15.23 -9.78
C PRO A 189 -1.36 14.16 -9.55
N TYR A 190 -1.17 13.28 -10.52
CA TYR A 190 -0.20 12.20 -10.41
C TYR A 190 1.21 12.67 -10.05
N GLU A 191 1.66 13.74 -10.71
CA GLU A 191 2.99 14.29 -10.50
C GLU A 191 3.28 14.74 -9.07
N ASP A 192 2.24 14.96 -8.27
CA ASP A 192 2.43 15.40 -6.89
C ASP A 192 2.47 14.25 -5.88
N VAL A 193 2.10 13.05 -6.32
CA VAL A 193 2.07 11.89 -5.44
C VAL A 193 3.41 11.53 -4.78
N ARG A 194 4.47 11.41 -5.58
CA ARG A 194 5.79 11.07 -5.05
C ARG A 194 5.79 9.80 -4.21
N LEU A 195 5.50 8.65 -4.82
CA LEU A 195 5.47 7.39 -4.07
C LEU A 195 6.76 7.11 -3.30
N GLY A 196 7.87 7.65 -3.80
CA GLY A 196 9.14 7.45 -3.13
C GLY A 196 9.11 7.93 -1.69
N GLY A 197 8.14 8.78 -1.37
CA GLY A 197 8.01 9.31 -0.03
C GLY A 197 7.80 8.21 0.99
N MET A 198 7.21 7.10 0.55
CA MET A 198 6.96 5.97 1.44
C MET A 198 8.28 5.39 1.92
N ASN A 199 9.25 5.28 1.02
CA ASN A 199 10.56 4.74 1.37
C ASN A 199 11.29 5.70 2.29
N ASP A 200 11.10 7.01 2.07
CA ASP A 200 11.73 8.01 2.91
C ASP A 200 11.19 7.83 4.34
N LEU A 201 9.89 7.58 4.45
CA LEU A 201 9.25 7.37 5.75
C LEU A 201 9.72 6.08 6.41
N SER A 202 9.77 4.98 5.66
CA SER A 202 10.20 3.70 6.22
C SER A 202 11.66 3.72 6.68
N GLU A 203 12.53 4.35 5.90
CA GLU A 203 13.93 4.41 6.29
C GLU A 203 14.13 5.31 7.50
N ALA A 204 13.33 6.36 7.61
CA ALA A 204 13.44 7.30 8.73
C ALA A 204 12.82 6.76 10.02
N PHE A 205 11.77 5.96 9.89
CA PHE A 205 11.07 5.40 11.04
C PHE A 205 10.87 3.90 10.83
N PRO A 206 11.92 3.10 11.08
CA PRO A 206 11.96 1.64 10.93
C PRO A 206 10.92 0.82 11.67
N ASP A 207 10.32 1.38 12.72
CA ASP A 207 9.30 0.63 13.47
C ASP A 207 7.87 0.97 13.03
N ALA A 208 7.75 1.83 12.03
CA ALA A 208 6.43 2.25 11.55
C ALA A 208 5.82 1.38 10.46
N ILE A 209 4.50 1.24 10.51
CA ILE A 209 3.75 0.49 9.50
C ILE A 209 3.58 1.57 8.44
N ILE A 210 3.87 1.25 7.18
CA ILE A 210 3.77 2.23 6.13
C ILE A 210 2.60 2.03 5.17
N GLY A 211 1.95 3.14 4.81
CA GLY A 211 0.83 3.09 3.89
C GLY A 211 0.71 4.36 3.07
N LEU A 212 -0.46 4.57 2.47
CA LEU A 212 -0.68 5.77 1.66
C LEU A 212 -2.12 6.24 1.75
N SER A 213 -2.30 7.54 1.98
CA SER A 213 -3.62 8.15 2.00
C SER A 213 -3.63 8.86 0.64
N ASP A 214 -4.69 8.70 -0.13
CA ASP A 214 -4.67 9.29 -1.47
C ASP A 214 -5.86 10.15 -1.89
N HIS A 215 -5.60 11.11 -2.78
CA HIS A 215 -6.61 12.01 -3.28
C HIS A 215 -6.57 12.23 -4.80
N THR A 216 -6.01 11.27 -5.53
CA THR A 216 -5.97 11.36 -6.98
C THR A 216 -7.35 10.94 -7.48
N LEU A 217 -7.54 10.90 -8.79
CA LEU A 217 -8.85 10.51 -9.34
C LEU A 217 -9.05 9.02 -9.58
N ASP A 218 -8.04 8.21 -9.28
CA ASP A 218 -8.18 6.77 -9.48
C ASP A 218 -7.31 5.92 -8.55
N ASN A 219 -7.21 4.63 -8.87
CA ASN A 219 -6.47 3.65 -8.07
C ASN A 219 -4.99 3.49 -8.33
N TYR A 220 -4.48 4.05 -9.43
CA TYR A 220 -3.08 3.90 -9.77
C TYR A 220 -2.09 4.19 -8.65
N ALA A 221 -2.27 5.30 -7.95
CA ALA A 221 -1.37 5.67 -6.86
C ALA A 221 -1.38 4.60 -5.77
N CYS A 222 -2.57 4.20 -5.35
CA CYS A 222 -2.69 3.18 -4.32
C CYS A 222 -2.11 1.83 -4.75
N LEU A 223 -2.34 1.43 -5.99
CA LEU A 223 -1.79 0.16 -6.48
C LEU A 223 -0.27 0.25 -6.46
N GLY A 224 0.25 1.43 -6.79
CA GLY A 224 1.68 1.64 -6.80
C GLY A 224 2.22 1.55 -5.38
N ALA A 225 1.45 2.07 -4.43
CA ALA A 225 1.86 2.04 -3.03
C ALA A 225 1.94 0.58 -2.53
N VAL A 226 1.00 -0.26 -2.96
CA VAL A 226 1.02 -1.67 -2.54
C VAL A 226 2.28 -2.34 -3.10
N ALA A 227 2.64 -1.99 -4.33
CA ALA A 227 3.84 -2.56 -4.96
C ALA A 227 5.10 -2.12 -4.22
N LEU A 228 5.05 -0.95 -3.60
CA LEU A 228 6.18 -0.43 -2.86
C LEU A 228 6.25 -0.99 -1.44
N GLY A 229 5.18 -1.64 -0.99
CA GLY A 229 5.17 -2.20 0.34
C GLY A 229 4.11 -1.65 1.27
N GLY A 230 3.27 -0.75 0.77
CA GLY A 230 2.23 -0.17 1.59
C GLY A 230 1.31 -1.22 2.17
N SER A 231 1.00 -1.07 3.47
CA SER A 231 0.13 -2.01 4.17
C SER A 231 -1.27 -1.45 4.42
N ILE A 232 -1.39 -0.13 4.31
CA ILE A 232 -2.66 0.53 4.51
C ILE A 232 -2.93 1.50 3.36
N LEU A 233 -4.16 1.51 2.87
CA LEU A 233 -4.55 2.38 1.78
C LEU A 233 -5.81 3.13 2.15
N GLU A 234 -5.81 4.45 1.96
CA GLU A 234 -7.00 5.22 2.27
C GLU A 234 -7.40 6.12 1.11
N ARG A 235 -8.68 6.01 0.74
CA ARG A 235 -9.27 6.82 -0.31
C ARG A 235 -10.65 7.19 0.23
N HIS A 236 -11.13 8.39 -0.09
CA HIS A 236 -12.45 8.76 0.36
C HIS A 236 -13.39 7.82 -0.40
N PHE A 237 -14.59 7.60 0.13
CA PHE A 237 -15.52 6.69 -0.50
C PHE A 237 -16.94 7.24 -0.57
N THR A 238 -17.65 6.86 -1.64
CA THR A 238 -19.02 7.30 -1.84
C THR A 238 -19.83 6.18 -2.51
N ASP A 239 -21.13 6.19 -2.32
CA ASP A 239 -21.97 5.17 -2.93
C ASP A 239 -22.04 5.44 -4.44
N ARG A 240 -22.00 6.71 -4.83
CA ARG A 240 -22.04 7.07 -6.24
C ARG A 240 -21.34 8.40 -6.51
N MET A 241 -20.71 8.48 -7.68
CA MET A 241 -19.98 9.68 -8.08
C MET A 241 -20.83 10.90 -8.41
N ASP A 242 -22.15 10.73 -8.48
CA ASP A 242 -23.06 11.84 -8.78
C ASP A 242 -23.19 12.81 -7.61
N ARG A 243 -23.03 12.29 -6.40
CA ARG A 243 -23.15 13.07 -5.17
C ARG A 243 -22.43 14.42 -5.16
N PRO A 244 -22.97 15.39 -4.40
CA PRO A 244 -22.38 16.73 -4.28
C PRO A 244 -21.44 16.66 -3.07
N GLY A 245 -20.40 17.50 -3.07
CA GLY A 245 -19.46 17.47 -1.96
C GLY A 245 -18.06 17.73 -2.46
N PRO A 246 -17.24 18.48 -1.71
CA PRO A 246 -15.87 18.79 -2.12
C PRO A 246 -14.88 17.63 -2.24
N ASP A 247 -15.13 16.52 -1.55
CA ASP A 247 -14.22 15.38 -1.63
C ASP A 247 -14.73 14.26 -2.53
N ILE A 248 -15.96 14.39 -3.01
CA ILE A 248 -16.56 13.37 -3.87
C ILE A 248 -15.73 13.04 -5.12
N VAL A 249 -15.27 14.08 -5.81
CA VAL A 249 -14.51 13.91 -7.04
C VAL A 249 -13.36 12.90 -6.97
N CYS A 250 -12.63 12.91 -5.86
CA CYS A 250 -11.50 12.00 -5.70
C CYS A 250 -11.85 10.74 -4.90
N SER A 251 -13.15 10.53 -4.66
CA SER A 251 -13.59 9.36 -3.91
C SER A 251 -13.70 8.13 -4.79
N MET A 252 -13.59 6.95 -4.17
CA MET A 252 -13.74 5.71 -4.93
C MET A 252 -15.17 5.26 -4.68
N ASN A 253 -15.74 4.47 -5.58
CA ASN A 253 -17.09 3.99 -5.37
C ASN A 253 -17.06 2.47 -5.27
N PRO A 254 -18.23 1.82 -5.14
CA PRO A 254 -18.21 0.36 -5.04
C PRO A 254 -17.36 -0.34 -6.08
N ASP A 255 -17.61 -0.08 -7.36
CA ASP A 255 -16.85 -0.71 -8.42
C ASP A 255 -15.34 -0.45 -8.35
N THR A 256 -14.95 0.80 -8.12
CA THR A 256 -13.52 1.09 -8.03
C THR A 256 -12.90 0.53 -6.76
N PHE A 257 -13.68 0.45 -5.69
CA PHE A 257 -13.14 -0.10 -4.45
C PHE A 257 -12.76 -1.55 -4.74
N LYS A 258 -13.71 -2.30 -5.31
CA LYS A 258 -13.48 -3.70 -5.63
C LYS A 258 -12.23 -3.88 -6.50
N GLU A 259 -11.99 -2.95 -7.40
CA GLU A 259 -10.82 -3.02 -8.27
C GLU A 259 -9.57 -2.83 -7.42
N LEU A 260 -9.59 -1.85 -6.53
CA LEU A 260 -8.45 -1.57 -5.67
C LEU A 260 -8.18 -2.79 -4.78
N LYS A 261 -9.24 -3.36 -4.22
CA LYS A 261 -9.08 -4.52 -3.35
C LYS A 261 -8.48 -5.71 -4.10
N GLN A 262 -8.94 -5.96 -5.33
CA GLN A 262 -8.41 -7.07 -6.13
C GLN A 262 -6.95 -6.83 -6.50
N GLY A 263 -6.67 -5.60 -6.93
CA GLY A 263 -5.32 -5.26 -7.32
C GLY A 263 -4.37 -5.29 -6.14
N ALA A 264 -4.87 -4.90 -4.97
CA ALA A 264 -4.06 -4.89 -3.75
C ALA A 264 -3.67 -6.33 -3.39
N HIS A 265 -4.60 -7.26 -3.56
CA HIS A 265 -4.32 -8.65 -3.26
C HIS A 265 -3.25 -9.21 -4.20
N ALA A 266 -3.40 -8.94 -5.49
CA ALA A 266 -2.43 -9.43 -6.48
C ALA A 266 -1.04 -8.85 -6.22
N LEU A 267 -0.98 -7.56 -5.90
CA LEU A 267 0.28 -6.89 -5.65
C LEU A 267 0.92 -7.30 -4.32
N LYS A 268 0.09 -7.67 -3.33
CA LYS A 268 0.62 -8.12 -2.05
C LYS A 268 1.43 -9.38 -2.30
N LEU A 269 0.92 -10.21 -3.20
CA LEU A 269 1.57 -11.47 -3.56
C LEU A 269 2.80 -11.26 -4.44
N ALA A 270 2.70 -10.35 -5.40
CA ALA A 270 3.77 -10.09 -6.36
C ALA A 270 4.96 -9.27 -5.87
N ARG A 271 4.75 -8.40 -4.88
CA ARG A 271 5.81 -7.53 -4.40
C ARG A 271 6.95 -8.20 -3.63
N GLY A 272 8.01 -7.42 -3.39
CA GLY A 272 9.15 -7.91 -2.65
C GLY A 272 9.85 -9.12 -3.22
N GLY A 273 10.35 -9.97 -2.34
CA GLY A 273 11.04 -11.17 -2.78
C GLY A 273 12.47 -10.85 -3.20
N LYS A 274 13.18 -11.88 -3.66
CA LYS A 274 14.57 -11.73 -4.07
C LYS A 274 14.79 -12.28 -5.48
N LYS A 275 15.71 -11.67 -6.21
CA LYS A 275 16.02 -12.09 -7.56
C LYS A 275 16.58 -13.51 -7.65
N ASP A 276 17.43 -13.86 -6.69
CA ASP A 276 18.06 -15.18 -6.68
C ASP A 276 17.19 -16.35 -6.23
N THR A 277 16.01 -16.06 -5.69
CA THR A 277 15.10 -17.12 -5.25
C THR A 277 14.82 -18.08 -6.40
N ILE A 278 14.95 -19.38 -6.14
CA ILE A 278 14.72 -20.40 -7.15
C ILE A 278 13.25 -20.79 -7.19
N ILE A 279 12.65 -20.70 -8.36
CA ILE A 279 11.24 -21.03 -8.54
C ILE A 279 11.07 -22.37 -9.24
N ALA A 280 10.60 -23.36 -8.49
CA ALA A 280 10.39 -24.72 -8.99
C ALA A 280 9.61 -24.78 -10.30
N GLY A 281 8.55 -23.98 -10.38
CA GLY A 281 7.72 -23.97 -11.56
C GLY A 281 8.46 -23.69 -12.87
N GLU A 282 9.63 -23.05 -12.76
CA GLU A 282 10.42 -22.73 -13.95
C GLU A 282 11.26 -23.88 -14.49
N LYS A 283 11.46 -24.93 -13.71
CA LYS A 283 12.30 -26.02 -14.14
C LYS A 283 12.05 -26.60 -15.53
N PRO A 284 10.81 -26.95 -15.86
CA PRO A 284 10.61 -27.49 -17.21
C PRO A 284 11.05 -26.52 -18.31
N THR A 285 11.00 -25.22 -18.03
CA THR A 285 11.42 -24.23 -19.00
C THR A 285 12.94 -24.25 -19.12
N LYS A 286 13.61 -24.31 -17.97
CA LYS A 286 15.07 -24.35 -17.93
C LYS A 286 15.60 -25.59 -18.65
N ASP A 287 14.95 -26.73 -18.42
CA ASP A 287 15.39 -27.97 -19.02
C ASP A 287 15.36 -27.96 -20.55
N PHE A 288 14.47 -27.17 -21.15
CA PHE A 288 14.42 -27.12 -22.61
C PHE A 288 15.06 -25.87 -23.21
N ALA A 289 15.01 -24.77 -22.49
CA ALA A 289 15.55 -23.49 -22.98
C ALA A 289 17.07 -23.32 -22.88
N PHE A 290 17.68 -23.87 -21.83
CA PHE A 290 19.13 -23.76 -21.65
C PHE A 290 19.86 -24.53 -22.74
N ALA A 291 21.05 -24.07 -23.09
CA ALA A 291 21.82 -24.71 -24.14
C ALA A 291 22.92 -25.63 -23.63
N SER A 292 23.24 -26.63 -24.44
CA SER A 292 24.29 -27.61 -24.13
C SER A 292 25.33 -27.50 -25.23
N VAL A 293 26.54 -27.97 -24.97
CA VAL A 293 27.59 -27.90 -25.96
C VAL A 293 27.42 -29.02 -26.98
N VAL A 294 27.46 -28.66 -28.27
CA VAL A 294 27.33 -29.64 -29.35
C VAL A 294 28.53 -29.47 -30.28
N ALA A 295 28.70 -30.42 -31.20
CA ALA A 295 29.78 -30.36 -32.16
C ALA A 295 29.33 -29.45 -33.30
N ASP A 296 30.20 -28.51 -33.68
CA ASP A 296 29.87 -27.58 -34.76
C ASP A 296 30.33 -28.13 -36.10
N LYS A 297 31.16 -29.18 -36.06
CA LYS A 297 31.68 -29.82 -37.27
C LYS A 297 32.02 -31.26 -36.93
N ASP A 298 32.33 -32.07 -37.96
CA ASP A 298 32.73 -33.44 -37.71
C ASP A 298 34.13 -33.32 -37.12
N ILE A 299 34.37 -34.02 -36.02
CA ILE A 299 35.68 -33.97 -35.38
C ILE A 299 36.23 -35.38 -35.36
N LYS A 300 37.44 -35.55 -35.89
CA LYS A 300 38.06 -36.87 -35.92
C LYS A 300 38.76 -37.15 -34.60
N LYS A 301 38.84 -38.43 -34.25
CA LYS A 301 39.50 -38.83 -33.03
C LYS A 301 40.91 -38.24 -33.03
N GLY A 302 41.38 -37.80 -31.87
CA GLY A 302 42.70 -37.23 -31.78
C GLY A 302 42.74 -35.72 -31.97
N GLU A 303 41.80 -35.19 -32.75
CA GLU A 303 41.73 -33.75 -33.00
C GLU A 303 41.33 -32.98 -31.75
N LEU A 304 41.80 -31.73 -31.66
CA LEU A 304 41.52 -30.88 -30.52
C LEU A 304 40.21 -30.11 -30.63
N LEU A 305 39.46 -30.05 -29.53
CA LEU A 305 38.20 -29.32 -29.54
C LEU A 305 38.55 -27.84 -29.45
N SER A 306 37.74 -26.99 -30.06
CA SER A 306 38.01 -25.56 -30.05
C SER A 306 36.74 -24.76 -30.24
N GLY A 307 36.85 -23.44 -30.08
CA GLY A 307 35.69 -22.59 -30.27
C GLY A 307 35.28 -22.55 -31.73
N ASP A 308 36.03 -23.24 -32.58
CA ASP A 308 35.73 -23.28 -34.00
C ASP A 308 34.94 -24.51 -34.42
N ASN A 309 35.12 -25.61 -33.69
CA ASN A 309 34.41 -26.86 -34.00
C ASN A 309 33.38 -27.21 -32.95
N LEU A 310 33.17 -26.31 -32.01
CA LEU A 310 32.20 -26.51 -30.95
C LEU A 310 31.25 -25.33 -30.89
N TRP A 311 30.01 -25.61 -30.50
CA TRP A 311 29.03 -24.55 -30.36
C TRP A 311 28.00 -24.96 -29.30
N VAL A 312 26.90 -24.21 -29.19
CA VAL A 312 25.90 -24.51 -28.20
C VAL A 312 24.48 -24.49 -28.78
N LYS A 313 23.63 -25.38 -28.29
CA LYS A 313 22.24 -25.46 -28.73
C LYS A 313 21.36 -26.04 -27.64
N ARG A 314 20.06 -25.72 -27.71
CA ARG A 314 19.11 -26.26 -26.76
C ARG A 314 19.02 -27.75 -27.15
N PRO A 315 18.56 -28.62 -26.24
CA PRO A 315 18.13 -28.38 -24.86
C PRO A 315 19.25 -28.48 -23.84
N GLY A 316 18.90 -28.37 -22.56
CA GLY A 316 19.93 -28.41 -21.53
C GLY A 316 20.24 -29.74 -20.89
N ASN A 317 20.06 -30.85 -21.62
CA ASN A 317 20.36 -32.15 -21.03
C ASN A 317 21.72 -32.75 -21.40
N GLY A 318 22.49 -32.04 -22.22
CA GLY A 318 23.81 -32.53 -22.61
C GLY A 318 24.80 -32.65 -21.46
N ASP A 319 25.84 -33.45 -21.64
CA ASP A 319 26.85 -33.63 -20.61
C ASP A 319 27.55 -32.32 -20.25
N PHE A 320 27.62 -31.41 -21.21
CA PHE A 320 28.26 -30.13 -20.96
C PHE A 320 27.31 -28.95 -21.20
N SER A 321 27.18 -28.10 -20.18
CA SER A 321 26.32 -26.94 -20.26
C SER A 321 27.08 -25.82 -20.94
N VAL A 322 26.36 -24.86 -21.52
CA VAL A 322 27.00 -23.74 -22.20
C VAL A 322 27.94 -23.03 -21.26
N ASN A 323 27.68 -23.14 -19.96
CA ASN A 323 28.53 -22.50 -18.97
C ASN A 323 29.93 -23.11 -18.99
N GLU A 324 30.04 -24.37 -19.44
CA GLU A 324 31.31 -25.07 -19.51
C GLU A 324 31.93 -25.05 -20.91
N TYR A 325 31.28 -24.34 -21.83
CA TYR A 325 31.75 -24.27 -23.21
C TYR A 325 33.26 -24.18 -23.37
N GLU A 326 33.85 -23.12 -22.82
CA GLU A 326 35.29 -22.89 -22.91
C GLU A 326 36.22 -23.90 -22.27
N THR A 327 35.79 -24.55 -21.18
CA THR A 327 36.66 -25.53 -20.53
C THR A 327 36.98 -26.69 -21.46
N LEU A 328 36.20 -26.83 -22.53
CA LEU A 328 36.44 -27.91 -23.48
C LEU A 328 37.52 -27.57 -24.52
N PHE A 329 37.87 -26.30 -24.62
CA PHE A 329 38.91 -25.87 -25.56
C PHE A 329 40.23 -26.58 -25.26
N GLY A 330 40.84 -27.17 -26.29
CA GLY A 330 42.11 -27.84 -26.09
C GLY A 330 41.98 -29.32 -25.78
N LYS A 331 40.80 -29.76 -25.39
CA LYS A 331 40.55 -31.17 -25.08
C LYS A 331 40.74 -32.02 -26.32
N VAL A 332 40.93 -33.32 -26.12
CA VAL A 332 41.14 -34.24 -27.23
C VAL A 332 39.96 -35.18 -27.47
N ALA A 333 39.51 -35.25 -28.71
CA ALA A 333 38.40 -36.13 -29.07
C ALA A 333 38.86 -37.58 -28.88
N ALA A 334 38.13 -38.32 -28.04
CA ALA A 334 38.47 -39.72 -27.77
C ALA A 334 37.93 -40.63 -28.87
N CYS A 335 37.21 -40.03 -29.82
CA CYS A 335 36.63 -40.77 -30.92
C CYS A 335 36.06 -39.78 -31.93
N ASN A 336 35.56 -40.29 -33.05
CA ASN A 336 34.97 -39.41 -34.04
C ASN A 336 33.69 -38.81 -33.46
N ILE A 337 33.54 -37.50 -33.62
CA ILE A 337 32.37 -36.81 -33.13
C ILE A 337 31.58 -36.25 -34.30
N ARG A 338 30.33 -36.68 -34.41
CA ARG A 338 29.45 -36.27 -35.48
C ARG A 338 28.98 -34.82 -35.28
N LYS A 339 28.90 -34.07 -36.37
CA LYS A 339 28.46 -32.69 -36.34
C LYS A 339 27.01 -32.59 -35.87
N GLY A 340 26.74 -31.66 -34.97
CA GLY A 340 25.40 -31.49 -34.46
C GLY A 340 25.10 -32.29 -33.22
N ALA A 341 25.98 -33.23 -32.88
CA ALA A 341 25.78 -34.05 -31.70
C ALA A 341 26.24 -33.33 -30.44
N GLN A 342 25.56 -33.59 -29.32
CA GLN A 342 25.94 -32.98 -28.06
C GLN A 342 27.27 -33.60 -27.68
N ILE A 343 28.16 -32.82 -27.06
CA ILE A 343 29.45 -33.36 -26.65
C ILE A 343 29.23 -34.11 -25.34
N LYS A 344 29.63 -35.37 -25.29
CA LYS A 344 29.46 -36.13 -24.06
C LYS A 344 30.81 -36.43 -23.40
N LYS A 345 30.78 -36.72 -22.09
CA LYS A 345 31.99 -36.99 -21.32
C LYS A 345 32.91 -38.03 -21.96
N THR A 346 32.33 -38.97 -22.69
CA THR A 346 33.09 -40.02 -23.32
C THR A 346 33.70 -39.61 -24.66
N ASP A 347 33.42 -38.38 -25.08
CA ASP A 347 33.95 -37.85 -26.34
C ASP A 347 35.35 -37.26 -26.18
N ILE A 348 35.77 -37.01 -24.95
CA ILE A 348 37.08 -36.42 -24.71
C ILE A 348 37.95 -37.36 -23.88
N GLU A 349 39.26 -37.19 -23.99
CA GLU A 349 40.21 -38.01 -23.25
C GLU A 349 40.26 -37.56 -21.78
#